data_1E71
#
_entry.id   1E71
#
_cell.length_a   135.300
_cell.length_b   137.200
_cell.length_c   80.600
_cell.angle_alpha   90.00
_cell.angle_beta   90.00
_cell.angle_gamma   90.00
#
_symmetry.space_group_name_H-M   'C 2 2 21'
#
loop_
_entity.id
_entity.type
_entity.pdbx_description
1 polymer 'MYROSINASE MA1'
2 branched 2-acetamido-2-deoxy-beta-D-glucopyranose-(1-4)-2-acetamido-2-deoxy-beta-D-glucopyranose
3 branched beta-D-xylopyranose-(1-2)-beta-D-mannopyranose-(1-4)-2-acetamido-2-deoxy-beta-D-glucopyranose-(1-4)-[alpha-L-fucopyranose-(1-3)]2-acetamido-2-deoxy-beta-D-glucopyranose
4 branched beta-D-xylopyranose-(1-2)-[alpha-D-mannopyranose-(1-3)][alpha-D-mannopyranose-(1-6)]beta-D-mannopyranose-(1-4)-2-acetamido-2-deoxy-beta-D-glucopyranose-(1-4)-[alpha-L-fucopyranose-(1-3)]2-acetamido-2-deoxy-beta-D-glucopyranose
5 non-polymer 2-acetamido-2-deoxy-beta-D-glucopyranose
6 non-polymer 'ASCORBIC ACID'
7 non-polymer GLYCEROL
8 non-polymer 'ZINC ION'
9 non-polymer 'SULFATE ION'
10 water water
#
_entity_poly.entity_id   1
_entity_poly.type   'polypeptide(L)'
_entity_poly.pdbx_seq_one_letter_code
;DEEITCQENLPFTCGNTDALNSSSFSSDFIFGVASSAYQIEGTIGRGLNIWDGFTHRYPNKSGPDHGNGDTTCDSFSYWQ
KDIDVLDELNATGYRFSIAWSRIIPRGKRSRGVNEKGIDYYHGLISGLIKKGITPFVTLFHWDLPQTLQDEYEGFLDPQI
IDDFKDYADLCFEEFGDSVKYWLTINQLYSVPTRGYGSALDAPGRCSPTVDPSCYAGNSSTEPYIVAHHQLLAHAKVVDL
YRKNYTHQGGKIGPTMITRWFLPYNDTDRHSIAATERMKEFFLGWFMGPLTNGTYPQIMIDTVGERLPSFSPEESNLVKG
SYDFLGLNYYFTQYAQPSPNPVNSTNHTAMMDAGAKLTYINASGHYIGPLFEKDKADSTDNIYYYPKGIYSVMDYFKNKY
YNPLIYVTENGISTPGDENRNQSMLDYTRIDYLCSHLCFLNKVIKEKDVNVKGYLAWALGDNYEFNKGFTVRFGLSYIDW
NNVTDRDLKKSGQWYQSFISP
;
_entity_poly.pdbx_strand_id   M
#
# COMPACT_ATOMS: atom_id res chain seq x y z
N GLU A 3 -25.61 -19.40 -4.65
CA GLU A 3 -25.03 -18.96 -3.38
C GLU A 3 -23.54 -19.29 -3.38
N ILE A 4 -22.73 -18.34 -2.98
CA ILE A 4 -21.29 -18.54 -2.93
C ILE A 4 -20.81 -18.85 -1.53
N THR A 5 -20.04 -19.91 -1.47
CA THR A 5 -19.45 -20.38 -0.22
C THR A 5 -17.95 -20.21 -0.35
N CYS A 6 -17.29 -19.58 0.61
CA CYS A 6 -15.84 -19.41 0.60
C CYS A 6 -15.24 -19.99 1.87
N GLN A 7 -14.06 -20.55 1.78
CA GLN A 7 -13.35 -21.15 2.88
C GLN A 7 -12.56 -20.09 3.64
N GLU A 8 -12.44 -20.33 4.94
CA GLU A 8 -11.70 -19.46 5.82
C GLU A 8 -10.48 -20.14 6.41
N ASN A 9 -10.45 -21.47 6.36
CA ASN A 9 -9.38 -22.23 6.99
C ASN A 9 -8.79 -23.23 6.03
N LEU A 10 -7.49 -23.56 6.24
CA LEU A 10 -6.91 -24.64 5.45
C LEU A 10 -7.64 -25.95 5.70
N PRO A 11 -7.69 -26.79 4.67
CA PRO A 11 -7.21 -26.61 3.33
C PRO A 11 -8.23 -25.86 2.49
N PHE A 12 -7.63 -25.13 1.54
CA PHE A 12 -8.43 -24.40 0.55
C PHE A 12 -8.53 -25.27 -0.72
N THR A 13 -9.65 -25.04 -1.42
CA THR A 13 -9.85 -25.74 -2.70
C THR A 13 -10.15 -24.76 -3.83
N CYS A 14 -9.89 -23.48 -3.58
CA CYS A 14 -10.18 -22.45 -4.57
C CYS A 14 -9.11 -22.28 -5.62
N GLY A 15 -8.10 -23.16 -5.59
CA GLY A 15 -7.09 -23.11 -6.62
C GLY A 15 -7.53 -23.83 -7.89
N ASN A 16 -8.68 -24.46 -7.91
CA ASN A 16 -9.22 -25.16 -9.05
C ASN A 16 -10.01 -24.15 -9.84
N THR A 17 -9.46 -23.86 -11.02
CA THR A 17 -10.05 -22.85 -11.89
C THR A 17 -11.36 -23.28 -12.54
N ASP A 18 -11.74 -24.53 -12.32
CA ASP A 18 -13.07 -24.98 -12.66
C ASP A 18 -14.11 -24.36 -11.70
N ALA A 19 -13.75 -24.00 -10.49
CA ALA A 19 -14.67 -23.48 -9.53
C ALA A 19 -14.51 -21.98 -9.32
N LEU A 20 -13.34 -21.41 -9.61
CA LEU A 20 -13.14 -19.99 -9.38
C LEU A 20 -12.24 -19.47 -10.50
N ASN A 21 -12.72 -18.48 -11.29
CA ASN A 21 -11.87 -17.95 -12.34
C ASN A 21 -12.34 -16.54 -12.64
N SER A 22 -11.70 -15.89 -13.61
CA SER A 22 -12.08 -14.53 -13.93
C SER A 22 -13.51 -14.42 -14.43
N SER A 23 -14.04 -15.45 -15.08
CA SER A 23 -15.40 -15.46 -15.52
C SER A 23 -16.44 -15.41 -14.43
N SER A 24 -15.98 -15.67 -13.21
CA SER A 24 -16.82 -15.57 -12.05
C SER A 24 -17.21 -14.11 -11.76
N PHE A 25 -16.33 -13.20 -12.21
CA PHE A 25 -16.47 -11.79 -12.01
C PHE A 25 -17.08 -11.10 -13.24
N SER A 26 -17.49 -9.85 -13.18
CA SER A 26 -18.08 -9.09 -14.29
C SER A 26 -17.12 -9.08 -15.46
N SER A 27 -17.56 -9.00 -16.72
CA SER A 27 -16.65 -9.06 -17.85
C SER A 27 -15.69 -7.90 -17.86
N ASP A 28 -15.97 -6.75 -17.32
CA ASP A 28 -15.00 -5.65 -17.41
C ASP A 28 -14.01 -5.61 -16.27
N PHE A 29 -14.08 -6.58 -15.36
CA PHE A 29 -13.25 -6.53 -14.17
C PHE A 29 -11.79 -6.61 -14.57
N ILE A 30 -10.91 -5.82 -13.99
CA ILE A 30 -9.50 -5.81 -14.26
C ILE A 30 -8.73 -6.75 -13.30
N PHE A 31 -7.87 -7.56 -13.91
CA PHE A 31 -7.00 -8.40 -13.09
C PHE A 31 -5.55 -8.10 -13.44
N GLY A 32 -4.67 -7.97 -12.43
CA GLY A 32 -3.25 -7.81 -12.76
C GLY A 32 -2.50 -7.97 -11.45
N VAL A 33 -1.33 -7.26 -11.47
CA VAL A 33 -0.35 -7.28 -10.40
C VAL A 33 0.15 -5.88 -10.23
N ALA A 34 0.93 -5.69 -9.16
CA ALA A 34 1.41 -4.39 -8.72
C ALA A 34 2.89 -4.46 -8.37
N SER A 35 3.47 -3.23 -8.36
CA SER A 35 4.88 -3.03 -8.00
C SER A 35 5.02 -1.60 -7.46
N SER A 36 6.25 -1.27 -7.01
CA SER A 36 6.59 0.11 -6.73
C SER A 36 8.03 0.40 -7.18
N ALA A 37 8.29 1.66 -7.42
CA ALA A 37 9.55 2.04 -8.01
C ALA A 37 10.79 1.79 -7.22
N TYR A 38 10.75 2.11 -5.92
CA TYR A 38 11.95 1.91 -5.11
C TYR A 38 12.24 0.41 -5.09
N GLN A 39 11.18 -0.40 -5.03
CA GLN A 39 11.33 -1.83 -4.83
C GLN A 39 11.86 -2.56 -6.07
N ILE A 40 11.64 -1.98 -7.27
CA ILE A 40 12.04 -2.70 -8.45
C ILE A 40 13.02 -2.04 -9.42
N GLU A 41 13.19 -0.71 -9.41
CA GLU A 41 13.92 -0.12 -10.52
C GLU A 41 15.43 -0.16 -10.37
N GLY A 42 15.92 0.17 -9.20
CA GLY A 42 17.32 0.47 -8.98
C GLY A 42 17.53 1.97 -9.06
N THR A 43 18.67 2.43 -8.51
CA THR A 43 19.05 3.81 -8.48
C THR A 43 19.61 4.35 -9.78
N ILE A 44 20.03 3.50 -10.68
CA ILE A 44 20.55 4.00 -11.94
C ILE A 44 19.60 4.96 -12.60
N GLY A 45 20.13 6.11 -13.04
CA GLY A 45 19.32 7.05 -13.75
C GLY A 45 18.38 7.96 -12.94
N ARG A 46 18.46 7.86 -11.62
CA ARG A 46 17.63 8.73 -10.81
C ARG A 46 18.47 9.40 -9.72
N GLY A 47 17.82 10.43 -9.12
CA GLY A 47 18.38 11.03 -7.91
C GLY A 47 18.08 10.10 -6.70
N LEU A 48 18.52 10.64 -5.53
CA LEU A 48 18.39 9.90 -4.28
C LEU A 48 17.13 10.33 -3.53
N ASN A 49 16.51 9.34 -2.90
CA ASN A 49 15.28 9.59 -2.14
C ASN A 49 15.47 9.08 -0.71
N ILE A 50 14.43 9.31 0.12
CA ILE A 50 14.57 9.00 1.53
C ILE A 50 14.60 7.49 1.82
N TRP A 51 14.17 6.64 0.88
CA TRP A 51 14.38 5.21 1.08
C TRP A 51 15.85 4.83 0.79
N ASP A 52 16.51 5.54 -0.17
CA ASP A 52 17.95 5.36 -0.27
C ASP A 52 18.55 5.88 1.04
N GLY A 53 18.14 7.06 1.51
CA GLY A 53 18.79 7.69 2.67
C GLY A 53 18.64 6.82 3.89
N PHE A 54 17.41 6.35 4.14
CA PHE A 54 17.12 5.56 5.35
C PHE A 54 17.85 4.26 5.30
N THR A 55 17.77 3.51 4.19
CA THR A 55 18.40 2.21 4.16
C THR A 55 19.91 2.26 4.26
N HIS A 56 20.49 3.40 3.87
CA HIS A 56 21.94 3.54 3.95
C HIS A 56 22.39 4.10 5.32
N ARG A 57 21.59 4.94 5.92
CA ARG A 57 21.96 5.52 7.22
C ARG A 57 21.65 4.53 8.35
N TYR A 58 20.61 3.74 8.14
CA TYR A 58 20.16 2.79 9.17
C TYR A 58 20.04 1.42 8.55
N PRO A 59 21.15 0.77 8.17
CA PRO A 59 21.11 -0.47 7.43
C PRO A 59 20.37 -1.59 8.14
N ASN A 60 20.44 -1.62 9.47
CA ASN A 60 19.71 -2.72 10.10
C ASN A 60 18.21 -2.51 10.11
N LYS A 61 17.71 -1.37 9.69
CA LYS A 61 16.30 -1.12 9.52
C LYS A 61 15.87 -1.44 8.10
N SER A 62 16.82 -1.53 7.17
CA SER A 62 16.46 -1.77 5.76
C SER A 62 15.99 -3.20 5.60
N GLY A 63 16.54 -4.15 6.34
CA GLY A 63 16.21 -5.56 6.32
C GLY A 63 17.25 -6.33 7.13
N PRO A 64 16.94 -7.56 7.55
CA PRO A 64 17.97 -8.34 8.26
C PRO A 64 19.26 -8.57 7.50
N ASP A 65 19.13 -8.59 6.18
CA ASP A 65 20.28 -8.75 5.29
C ASP A 65 20.94 -7.42 4.92
N HIS A 66 20.41 -6.33 5.46
CA HIS A 66 20.87 -5.00 5.09
C HIS A 66 20.64 -4.74 3.61
N GLY A 67 19.71 -5.42 3.00
CA GLY A 67 19.45 -5.24 1.60
C GLY A 67 18.75 -3.91 1.33
N ASN A 68 18.86 -3.41 0.10
CA ASN A 68 18.20 -2.15 -0.25
C ASN A 68 17.87 -2.17 -1.73
N GLY A 69 17.29 -1.08 -2.22
CA GLY A 69 16.83 -0.95 -3.57
C GLY A 69 17.90 -0.43 -4.53
N ASP A 70 19.18 -0.58 -4.22
CA ASP A 70 20.18 -0.05 -5.15
C ASP A 70 20.10 -0.68 -6.55
N THR A 71 20.00 -1.97 -6.60
CA THR A 71 19.86 -2.64 -7.91
C THR A 71 18.61 -3.47 -8.03
N THR A 72 18.27 -4.16 -6.94
CA THR A 72 17.03 -4.94 -6.93
C THR A 72 16.86 -5.73 -8.21
N CYS A 73 15.63 -5.77 -8.75
CA CYS A 73 15.41 -6.58 -9.93
C CYS A 73 15.70 -5.83 -11.21
N ASP A 74 16.26 -4.62 -11.08
CA ASP A 74 16.69 -3.85 -12.22
C ASP A 74 15.61 -3.73 -13.29
N SER A 75 14.45 -3.25 -12.88
CA SER A 75 13.38 -2.95 -13.84
C SER A 75 13.70 -1.69 -14.55
N PHE A 76 14.70 -0.90 -14.18
CA PHE A 76 15.17 0.15 -15.07
C PHE A 76 15.66 -0.47 -16.39
N SER A 77 16.49 -1.52 -16.30
CA SER A 77 16.94 -2.17 -17.52
C SER A 77 15.93 -3.16 -18.08
N TYR A 78 15.21 -3.84 -17.22
CA TYR A 78 14.40 -4.96 -17.67
C TYR A 78 12.91 -4.71 -17.60
N TRP A 79 12.49 -3.46 -17.84
CA TRP A 79 11.05 -3.15 -17.84
C TRP A 79 10.30 -3.99 -18.85
N GLN A 80 11.00 -4.32 -19.99
CA GLN A 80 10.33 -5.12 -20.99
C GLN A 80 10.00 -6.51 -20.47
N LYS A 81 10.88 -7.04 -19.61
CA LYS A 81 10.65 -8.35 -19.01
C LYS A 81 9.46 -8.29 -18.08
N ASP A 82 9.22 -7.12 -17.44
CA ASP A 82 8.02 -7.01 -16.58
C ASP A 82 6.76 -7.08 -17.47
N ILE A 83 6.80 -6.31 -18.58
CA ILE A 83 5.67 -6.35 -19.53
C ILE A 83 5.44 -7.77 -20.01
N ASP A 84 6.55 -8.48 -20.32
CA ASP A 84 6.43 -9.89 -20.75
C ASP A 84 5.72 -10.77 -19.72
N VAL A 85 5.96 -10.58 -18.43
CA VAL A 85 5.27 -11.32 -17.40
C VAL A 85 3.75 -11.03 -17.49
N LEU A 86 3.42 -9.76 -17.62
CA LEU A 86 2.04 -9.31 -17.67
C LEU A 86 1.33 -9.89 -18.89
N ASP A 87 2.09 -9.88 -19.99
CA ASP A 87 1.56 -10.43 -21.26
C ASP A 87 1.33 -11.93 -21.15
N GLU A 88 2.23 -12.68 -20.49
CA GLU A 88 2.08 -14.10 -20.20
C GLU A 88 0.84 -14.29 -19.36
N LEU A 89 0.65 -13.48 -18.33
CA LEU A 89 -0.56 -13.62 -17.52
C LEU A 89 -1.86 -13.29 -18.22
N ASN A 90 -1.79 -12.60 -19.37
CA ASN A 90 -2.98 -12.02 -19.97
C ASN A 90 -3.59 -11.01 -19.00
N ALA A 91 -2.77 -10.34 -18.21
CA ALA A 91 -3.24 -9.33 -17.28
C ALA A 91 -3.87 -8.16 -18.02
N THR A 92 -4.86 -7.54 -17.41
CA THR A 92 -5.44 -6.35 -18.00
C THR A 92 -5.08 -5.11 -17.20
N GLY A 93 -4.39 -5.29 -16.07
CA GLY A 93 -3.98 -4.10 -15.34
C GLY A 93 -2.58 -4.35 -14.74
N TYR A 94 -1.89 -3.20 -14.58
CA TYR A 94 -0.61 -3.23 -13.87
C TYR A 94 -0.49 -1.95 -13.10
N ARG A 95 -0.27 -2.06 -11.80
CA ARG A 95 -0.02 -0.89 -10.96
C ARG A 95 1.49 -0.80 -10.74
N PHE A 96 2.02 0.37 -11.07
CA PHE A 96 3.43 0.66 -10.83
C PHE A 96 3.47 2.07 -10.29
N SER A 97 4.64 2.45 -9.77
CA SER A 97 4.77 3.85 -9.33
C SER A 97 5.84 4.58 -10.13
N ILE A 98 5.68 5.88 -10.19
CA ILE A 98 6.69 6.76 -10.74
C ILE A 98 7.60 7.21 -9.61
N ALA A 99 8.91 7.05 -9.81
CA ALA A 99 9.88 7.56 -8.86
C ALA A 99 9.99 9.07 -9.06
N TRP A 100 9.55 9.88 -8.08
CA TRP A 100 9.71 11.30 -8.13
C TRP A 100 11.18 11.61 -8.45
N SER A 101 12.13 10.96 -7.80
CA SER A 101 13.54 11.25 -7.99
C SER A 101 14.03 10.87 -9.37
N ARG A 102 13.29 10.09 -10.16
CA ARG A 102 13.71 9.76 -11.52
C ARG A 102 13.27 10.88 -12.43
N ILE A 103 12.14 11.56 -12.23
CA ILE A 103 11.74 12.61 -13.16
C ILE A 103 12.02 14.00 -12.69
N ILE A 104 12.15 14.28 -11.41
CA ILE A 104 12.62 15.57 -10.90
C ILE A 104 13.59 15.23 -9.77
N PRO A 105 14.84 14.87 -10.12
CA PRO A 105 15.84 14.51 -9.15
C PRO A 105 16.07 15.58 -8.12
N ARG A 106 15.91 16.86 -8.44
CA ARG A 106 16.09 17.93 -7.49
C ARG A 106 14.84 18.31 -6.70
N GLY A 107 13.81 17.47 -6.78
CA GLY A 107 12.60 17.59 -5.96
C GLY A 107 11.61 18.64 -6.46
N LYS A 108 12.04 19.90 -6.49
CA LYS A 108 11.23 21.04 -6.91
C LYS A 108 11.32 21.18 -8.43
N ARG A 109 10.15 21.17 -9.08
CA ARG A 109 10.06 21.17 -10.51
C ARG A 109 10.80 22.27 -11.23
N SER A 110 10.84 23.45 -10.62
CA SER A 110 11.53 24.59 -11.22
C SER A 110 13.04 24.37 -11.37
N ARG A 111 13.61 23.40 -10.62
CA ARG A 111 15.01 23.10 -10.72
C ARG A 111 15.34 22.24 -11.95
N GLY A 112 14.32 21.81 -12.68
CA GLY A 112 14.59 21.05 -13.89
C GLY A 112 14.04 19.64 -13.78
N VAL A 113 13.80 19.06 -14.97
CA VAL A 113 13.33 17.71 -15.07
C VAL A 113 14.37 16.83 -15.74
N ASN A 114 14.27 15.55 -15.52
CA ASN A 114 15.16 14.56 -16.12
C ASN A 114 14.42 13.96 -17.32
N GLU A 115 14.77 14.49 -18.49
CA GLU A 115 14.08 14.04 -19.71
C GLU A 115 14.25 12.53 -19.93
N LYS A 116 15.41 11.97 -19.62
CA LYS A 116 15.59 10.53 -19.82
C LYS A 116 14.70 9.73 -18.88
N GLY A 117 14.48 10.25 -17.66
CA GLY A 117 13.56 9.63 -16.70
C GLY A 117 12.15 9.61 -17.22
N ILE A 118 11.73 10.76 -17.79
CA ILE A 118 10.39 10.87 -18.42
C ILE A 118 10.27 9.83 -19.49
N ASP A 119 11.32 9.72 -20.38
CA ASP A 119 11.32 8.74 -21.44
C ASP A 119 11.19 7.32 -20.94
N TYR A 120 11.84 6.98 -19.82
CA TYR A 120 11.68 5.63 -19.26
C TYR A 120 10.21 5.32 -19.07
N TYR A 121 9.46 6.21 -18.39
CA TYR A 121 8.06 5.90 -18.10
C TYR A 121 7.24 5.94 -19.40
N HIS A 122 7.58 6.83 -20.33
CA HIS A 122 6.85 6.80 -21.58
C HIS A 122 6.96 5.45 -22.30
N GLY A 123 8.17 4.88 -22.30
CA GLY A 123 8.32 3.60 -22.93
C GLY A 123 7.60 2.44 -22.25
N LEU A 124 7.65 2.47 -20.91
CA LEU A 124 6.88 1.46 -20.15
C LEU A 124 5.39 1.58 -20.44
N ILE A 125 4.85 2.79 -20.36
CA ILE A 125 3.44 2.99 -20.57
C ILE A 125 3.00 2.58 -21.99
N SER A 126 3.80 3.03 -22.97
CA SER A 126 3.50 2.64 -24.34
C SER A 126 3.49 1.10 -24.50
N GLY A 127 4.48 0.44 -23.87
CA GLY A 127 4.59 -1.00 -23.96
C GLY A 127 3.43 -1.70 -23.28
N LEU A 128 2.99 -1.16 -22.14
CA LEU A 128 1.84 -1.80 -21.51
C LEU A 128 0.60 -1.62 -22.35
N ILE A 129 0.36 -0.42 -22.89
CA ILE A 129 -0.87 -0.23 -23.66
C ILE A 129 -0.86 -1.08 -24.91
N LYS A 130 0.30 -1.26 -25.52
CA LYS A 130 0.43 -2.10 -26.72
C LYS A 130 0.07 -3.55 -26.46
N LYS A 131 0.15 -3.99 -25.21
CA LYS A 131 -0.23 -5.33 -24.86
C LYS A 131 -1.59 -5.37 -24.15
N GLY A 132 -2.35 -4.28 -24.27
CA GLY A 132 -3.68 -4.30 -23.67
C GLY A 132 -3.76 -4.20 -22.16
N ILE A 133 -2.72 -3.69 -21.53
CA ILE A 133 -2.69 -3.62 -20.09
C ILE A 133 -2.97 -2.20 -19.67
N THR A 134 -3.93 -2.01 -18.77
CA THR A 134 -4.26 -0.72 -18.23
C THR A 134 -3.31 -0.32 -17.09
N PRO A 135 -2.59 0.78 -17.25
CA PRO A 135 -1.75 1.25 -16.16
C PRO A 135 -2.58 1.87 -15.04
N PHE A 136 -2.17 1.58 -13.81
CA PHE A 136 -2.68 2.22 -12.62
C PHE A 136 -1.41 2.82 -12.00
N VAL A 137 -1.23 4.13 -12.02
CA VAL A 137 0.06 4.68 -11.67
C VAL A 137 0.05 5.43 -10.37
N THR A 138 0.90 5.00 -9.45
CA THR A 138 1.01 5.67 -8.16
C THR A 138 2.03 6.79 -8.28
N LEU A 139 1.64 8.01 -7.97
CA LEU A 139 2.57 9.14 -8.02
C LEU A 139 3.57 9.07 -6.90
N PHE A 140 3.20 8.64 -5.69
CA PHE A 140 4.09 8.65 -4.55
C PHE A 140 3.99 7.36 -3.76
N HIS A 141 4.96 6.51 -4.00
CA HIS A 141 5.08 5.27 -3.22
C HIS A 141 6.29 5.39 -2.27
N TRP A 142 6.23 6.44 -1.44
CA TRP A 142 7.08 6.66 -0.29
C TRP A 142 8.47 7.21 -0.58
N ASP A 143 8.87 7.21 -1.86
CA ASP A 143 10.24 7.51 -2.25
C ASP A 143 10.44 8.99 -2.50
N LEU A 144 10.34 9.79 -1.43
CA LEU A 144 10.46 11.24 -1.54
C LEU A 144 11.90 11.64 -1.82
N PRO A 145 12.14 12.53 -2.76
CA PRO A 145 13.48 13.03 -2.98
C PRO A 145 14.15 13.46 -1.69
N GLN A 146 15.40 13.05 -1.51
CA GLN A 146 16.08 13.29 -0.22
C GLN A 146 16.23 14.78 0.03
N THR A 147 16.48 15.52 -1.07
CA THR A 147 16.57 16.98 -0.95
C THR A 147 15.40 17.58 -0.19
N LEU A 148 14.16 17.15 -0.45
CA LEU A 148 12.98 17.73 0.22
C LEU A 148 12.97 17.36 1.68
N GLN A 149 13.34 16.16 2.02
CA GLN A 149 13.41 15.80 3.45
C GLN A 149 14.49 16.63 4.11
N ASP A 150 15.61 16.93 3.43
CA ASP A 150 16.67 17.70 4.03
C ASP A 150 16.35 19.19 4.05
N GLU A 151 15.57 19.69 3.08
CA GLU A 151 15.26 21.11 3.11
C GLU A 151 14.24 21.47 4.20
N TYR A 152 13.20 20.63 4.29
CA TYR A 152 12.11 20.98 5.22
C TYR A 152 11.47 19.78 5.86
N GLU A 153 12.14 18.65 5.86
CA GLU A 153 11.61 17.45 6.49
C GLU A 153 10.33 16.96 5.82
N GLY A 154 10.33 17.16 4.46
CA GLY A 154 9.30 16.47 3.69
C GLY A 154 7.87 16.72 4.15
N PHE A 155 7.15 15.61 4.33
CA PHE A 155 5.74 15.78 4.70
C PHE A 155 5.51 16.32 6.08
N LEU A 156 6.57 16.61 6.85
CA LEU A 156 6.39 17.28 8.12
C LEU A 156 6.07 18.74 7.94
N ASP A 157 6.32 19.31 6.76
CA ASP A 157 6.14 20.73 6.55
C ASP A 157 5.17 21.01 5.43
N PRO A 158 4.38 22.08 5.52
CA PRO A 158 3.42 22.39 4.49
C PRO A 158 4.00 22.75 3.13
N GLN A 159 5.32 22.99 3.05
CA GLN A 159 5.96 23.19 1.77
C GLN A 159 5.82 21.99 0.85
N ILE A 160 5.60 20.81 1.42
CA ILE A 160 5.45 19.61 0.61
C ILE A 160 4.27 19.76 -0.38
N ILE A 161 3.23 20.50 0.04
CA ILE A 161 2.01 20.55 -0.77
C ILE A 161 2.23 21.04 -2.19
N ASP A 162 2.90 22.19 -2.28
CA ASP A 162 3.16 22.73 -3.63
C ASP A 162 4.24 21.97 -4.37
N ASP A 163 5.24 21.40 -3.70
CA ASP A 163 6.22 20.59 -4.44
C ASP A 163 5.53 19.34 -4.96
N PHE A 164 4.69 18.67 -4.19
CA PHE A 164 4.00 17.49 -4.67
C PHE A 164 3.06 17.88 -5.80
N LYS A 165 2.36 19.01 -5.67
CA LYS A 165 1.46 19.47 -6.75
C LYS A 165 2.19 19.69 -8.06
N ASP A 166 3.37 20.32 -8.00
CA ASP A 166 4.10 20.58 -9.27
C ASP A 166 4.60 19.29 -9.84
N TYR A 167 5.01 18.31 -9.05
CA TYR A 167 5.42 16.99 -9.52
C TYR A 167 4.23 16.27 -10.19
N ALA A 168 3.09 16.27 -9.50
CA ALA A 168 1.94 15.59 -10.08
C ALA A 168 1.55 16.27 -11.38
N ASP A 169 1.58 17.61 -11.45
CA ASP A 169 1.24 18.31 -12.70
C ASP A 169 2.10 17.83 -13.85
N LEU A 170 3.44 17.70 -13.56
CA LEU A 170 4.32 17.19 -14.62
C LEU A 170 3.91 15.79 -15.05
N CYS A 171 3.57 14.89 -14.10
CA CYS A 171 3.15 13.56 -14.48
C CYS A 171 1.90 13.62 -15.32
N PHE A 172 0.88 14.41 -14.94
CA PHE A 172 -0.36 14.48 -15.73
C PHE A 172 -0.05 15.00 -17.13
N GLU A 173 0.78 16.05 -17.17
CA GLU A 173 1.09 16.65 -18.47
C GLU A 173 1.81 15.63 -19.36
N GLU A 174 2.80 14.91 -18.82
CA GLU A 174 3.58 14.00 -19.68
C GLU A 174 2.88 12.69 -19.92
N PHE A 175 2.13 12.13 -19.00
CA PHE A 175 1.67 10.75 -19.17
C PHE A 175 0.17 10.59 -19.22
N GLY A 176 -0.56 11.68 -18.84
CA GLY A 176 -2.01 11.55 -18.65
C GLY A 176 -2.82 11.36 -19.92
N ASP A 177 -2.18 11.62 -21.08
CA ASP A 177 -2.84 11.21 -22.34
C ASP A 177 -2.98 9.70 -22.50
N SER A 178 -2.19 8.90 -21.80
CA SER A 178 -2.22 7.45 -21.83
C SER A 178 -2.61 6.85 -20.51
N VAL A 179 -2.34 7.49 -19.39
CA VAL A 179 -2.70 6.90 -18.09
C VAL A 179 -4.03 7.46 -17.65
N LYS A 180 -4.94 6.59 -17.33
CA LYS A 180 -6.27 7.00 -16.95
C LYS A 180 -6.70 6.63 -15.56
N TYR A 181 -5.76 6.03 -14.80
CA TYR A 181 -6.00 5.68 -13.41
C TYR A 181 -4.74 6.11 -12.66
N TRP A 182 -4.92 7.06 -11.79
CA TRP A 182 -3.87 7.59 -10.97
C TRP A 182 -4.14 7.38 -9.48
N LEU A 183 -3.05 7.02 -8.78
CA LEU A 183 -3.10 6.90 -7.33
C LEU A 183 -2.21 8.02 -6.78
N THR A 184 -2.59 8.73 -5.74
CA THR A 184 -1.77 9.81 -5.24
C THR A 184 -0.69 9.32 -4.31
N ILE A 185 -1.05 9.01 -3.10
CA ILE A 185 -0.12 8.57 -2.06
C ILE A 185 -0.41 7.13 -1.66
N ASN A 186 0.64 6.29 -1.72
CA ASN A 186 0.44 4.91 -1.26
C ASN A 186 0.22 4.78 0.25
N GLN A 187 -0.72 3.94 0.70
CA GLN A 187 -1.09 3.63 2.06
C GLN A 187 -0.89 4.81 3.00
N LEU A 188 -1.89 5.68 3.01
CA LEU A 188 -1.84 6.88 3.82
C LEU A 188 -1.38 6.70 5.26
N TYR A 189 -1.83 5.62 5.88
CA TYR A 189 -1.48 5.37 7.27
C TYR A 189 -0.03 5.12 7.55
N SER A 190 0.69 4.58 6.56
CA SER A 190 2.01 4.05 6.79
C SER A 190 3.11 5.00 7.06
N VAL A 191 3.27 6.06 6.29
CA VAL A 191 4.39 6.97 6.54
C VAL A 191 4.20 7.68 7.86
N PRO A 192 3.01 8.22 8.18
CA PRO A 192 2.87 8.89 9.49
C PRO A 192 3.27 7.97 10.66
N THR A 193 2.78 6.73 10.64
CA THR A 193 3.04 5.87 11.78
C THR A 193 4.42 5.25 11.80
N ARG A 194 4.81 4.65 10.69
CA ARG A 194 6.10 3.99 10.65
C ARG A 194 7.27 4.90 10.33
N GLY A 195 7.03 5.97 9.58
CA GLY A 195 8.11 6.89 9.20
C GLY A 195 8.37 7.91 10.30
N TYR A 196 7.34 8.32 11.04
CA TYR A 196 7.38 9.35 12.04
C TYR A 196 6.92 8.94 13.44
N GLY A 197 6.53 7.68 13.57
CA GLY A 197 6.06 7.21 14.90
C GLY A 197 7.04 6.18 15.46
N SER A 198 7.09 5.01 14.78
CA SER A 198 7.96 3.95 15.24
C SER A 198 9.38 4.01 14.63
N ALA A 199 9.47 4.75 13.53
CA ALA A 199 10.74 4.89 12.85
C ALA A 199 11.22 3.58 12.24
N LEU A 200 10.28 2.71 11.91
CA LEU A 200 10.59 1.49 11.19
C LEU A 200 10.80 1.79 9.69
N ASP A 201 10.19 2.88 9.21
CA ASP A 201 10.29 3.25 7.81
C ASP A 201 10.91 4.62 7.66
N ALA A 202 11.35 4.90 6.41
CA ALA A 202 11.85 6.23 6.07
C ALA A 202 10.78 7.26 6.38
N PRO A 203 11.16 8.43 6.87
CA PRO A 203 12.50 8.91 7.02
C PRO A 203 13.19 8.45 8.29
N GLY A 204 12.45 7.86 9.23
CA GLY A 204 13.06 7.33 10.43
C GLY A 204 13.10 8.33 11.56
N ARG A 205 12.04 9.08 11.79
CA ARG A 205 11.97 10.04 12.87
C ARG A 205 11.08 9.44 13.96
N CYS A 206 11.41 9.81 15.23
CA CYS A 206 10.62 9.35 16.35
C CYS A 206 11.09 10.06 17.60
N SER A 207 10.40 9.85 18.73
CA SER A 207 10.86 10.42 19.98
C SER A 207 12.10 9.67 20.42
N PRO A 208 13.00 10.37 21.16
CA PRO A 208 14.24 9.79 21.59
C PRO A 208 14.18 8.46 22.31
N THR A 209 13.17 8.32 23.18
CA THR A 209 13.07 7.08 23.96
C THR A 209 12.35 5.97 23.24
N VAL A 210 11.70 6.30 22.15
CA VAL A 210 11.11 5.24 21.31
C VAL A 210 12.21 4.44 20.62
N ASP A 211 13.15 5.17 20.02
CA ASP A 211 14.30 4.59 19.34
C ASP A 211 15.40 5.62 19.35
N PRO A 212 16.45 5.39 20.12
CA PRO A 212 17.52 6.35 20.21
C PRO A 212 18.28 6.59 18.93
N SER A 213 18.08 5.72 17.96
CA SER A 213 18.76 5.93 16.67
C SER A 213 18.06 7.01 15.85
N CYS A 214 16.82 7.35 16.11
CA CYS A 214 16.19 8.36 15.27
C CYS A 214 16.98 9.65 15.29
N TYR A 215 17.04 10.36 14.19
CA TYR A 215 17.83 11.58 14.15
C TYR A 215 17.13 12.74 14.78
N ALA A 216 15.83 12.70 14.81
CA ALA A 216 14.96 13.74 15.32
C ALA A 216 13.56 13.14 15.36
N GLY A 217 12.65 13.90 15.99
CA GLY A 217 11.25 13.55 15.91
C GLY A 217 10.51 13.64 17.24
N ASN A 218 9.23 13.29 17.06
CA ASN A 218 8.29 13.27 18.21
C ASN A 218 7.14 12.35 17.77
N SER A 219 7.12 11.15 18.33
CA SER A 219 6.20 10.13 17.88
C SER A 219 4.75 10.41 18.24
N SER A 220 4.61 11.31 19.20
CA SER A 220 3.26 11.66 19.65
C SER A 220 2.55 12.69 18.78
N THR A 221 3.34 13.59 18.21
CA THR A 221 2.81 14.70 17.45
C THR A 221 3.03 14.57 15.92
N GLU A 222 4.22 14.10 15.53
CA GLU A 222 4.53 14.16 14.10
C GLU A 222 3.67 13.27 13.25
N PRO A 223 3.23 12.07 13.63
CA PRO A 223 2.35 11.28 12.75
C PRO A 223 1.11 12.08 12.38
N TYR A 224 0.54 12.89 13.31
CA TYR A 224 -0.64 13.65 12.97
C TYR A 224 -0.36 14.79 12.02
N ILE A 225 0.78 15.47 12.20
CA ILE A 225 1.16 16.56 11.29
C ILE A 225 1.35 15.97 9.90
N VAL A 226 2.10 14.87 9.80
CA VAL A 226 2.40 14.30 8.48
C VAL A 226 1.13 13.77 7.86
N ALA A 227 0.25 13.11 8.60
CA ALA A 227 -1.00 12.63 8.04
C ALA A 227 -1.79 13.79 7.45
N HIS A 228 -1.86 14.92 8.14
CA HIS A 228 -2.61 16.09 7.75
C HIS A 228 -2.05 16.65 6.48
N HIS A 229 -0.73 16.76 6.42
CA HIS A 229 -0.13 17.25 5.18
C HIS A 229 -0.30 16.30 4.02
N GLN A 230 -0.29 14.97 4.27
CA GLN A 230 -0.58 14.02 3.20
C GLN A 230 -1.99 14.29 2.68
N LEU A 231 -2.97 14.46 3.56
CA LEU A 231 -4.32 14.67 3.07
C LEU A 231 -4.44 15.95 2.26
N LEU A 232 -3.78 17.03 2.71
CA LEU A 232 -3.83 18.30 1.97
C LEU A 232 -3.08 18.15 0.65
N ALA A 233 -1.94 17.52 0.65
CA ALA A 233 -1.19 17.36 -0.63
C ALA A 233 -1.95 16.50 -1.63
N HIS A 234 -2.49 15.40 -1.13
CA HIS A 234 -3.37 14.52 -1.94
C HIS A 234 -4.47 15.40 -2.54
N ALA A 235 -5.17 16.15 -1.67
CA ALA A 235 -6.37 16.86 -2.13
C ALA A 235 -6.05 17.94 -3.12
N LYS A 236 -4.90 18.63 -2.94
CA LYS A 236 -4.49 19.64 -3.88
C LYS A 236 -4.23 18.99 -5.24
N VAL A 237 -3.60 17.82 -5.25
CA VAL A 237 -3.35 17.11 -6.52
C VAL A 237 -4.65 16.66 -7.13
N VAL A 238 -5.62 16.16 -6.38
CA VAL A 238 -6.88 15.73 -6.97
C VAL A 238 -7.56 16.96 -7.57
N ASP A 239 -7.57 18.09 -6.85
CA ASP A 239 -8.18 19.31 -7.42
C ASP A 239 -7.52 19.72 -8.73
N LEU A 240 -6.18 19.69 -8.72
CA LEU A 240 -5.45 20.01 -9.95
C LEU A 240 -5.85 19.05 -11.08
N TYR A 241 -5.94 17.79 -10.78
CA TYR A 241 -6.30 16.83 -11.80
C TYR A 241 -7.65 17.09 -12.38
N ARG A 242 -8.63 17.28 -11.48
CA ARG A 242 -10.02 17.40 -11.92
C ARG A 242 -10.33 18.76 -12.52
N LYS A 243 -9.52 19.78 -12.21
CA LYS A 243 -9.75 21.11 -12.79
C LYS A 243 -8.97 21.38 -14.04
N ASN A 244 -7.76 20.82 -14.11
CA ASN A 244 -6.85 21.09 -15.22
C ASN A 244 -6.66 19.93 -16.17
N TYR A 245 -7.00 18.70 -15.85
CA TYR A 245 -6.75 17.57 -16.71
C TYR A 245 -8.01 16.76 -16.95
N THR A 246 -9.18 17.42 -16.84
CA THR A 246 -10.43 16.70 -17.09
C THR A 246 -10.53 16.19 -18.52
N HIS A 247 -9.85 16.91 -19.45
CA HIS A 247 -9.84 16.45 -20.82
C HIS A 247 -9.23 15.08 -21.05
N GLN A 248 -8.40 14.58 -20.12
CA GLN A 248 -7.80 13.30 -20.29
C GLN A 248 -8.76 12.17 -19.95
N GLY A 249 -9.93 12.44 -19.37
CA GLY A 249 -10.88 11.38 -19.12
C GLY A 249 -10.43 10.27 -18.22
N GLY A 250 -9.65 10.61 -17.21
CA GLY A 250 -9.20 9.62 -16.24
C GLY A 250 -9.77 9.84 -14.84
N LYS A 251 -9.27 9.01 -13.94
CA LYS A 251 -9.75 9.02 -12.57
C LYS A 251 -8.53 8.98 -11.63
N ILE A 252 -8.75 9.56 -10.45
CA ILE A 252 -7.69 9.60 -9.46
C ILE A 252 -8.21 9.32 -8.07
N GLY A 253 -7.34 8.71 -7.24
CA GLY A 253 -7.72 8.47 -5.83
C GLY A 253 -6.51 8.22 -5.00
N PRO A 254 -6.69 8.16 -3.69
CA PRO A 254 -5.65 7.76 -2.76
C PRO A 254 -5.58 6.24 -2.68
N THR A 255 -4.50 5.78 -2.06
CA THR A 255 -4.41 4.39 -1.63
C THR A 255 -4.51 4.32 -0.08
N MET A 256 -5.45 3.47 0.33
CA MET A 256 -5.52 3.15 1.74
C MET A 256 -4.90 1.79 2.00
N ILE A 257 -4.19 1.63 3.13
CA ILE A 257 -4.03 0.28 3.66
C ILE A 257 -5.30 0.01 4.50
N THR A 258 -5.89 -1.13 4.21
CA THR A 258 -7.06 -1.53 4.99
C THR A 258 -6.68 -2.79 5.76
N ARG A 259 -7.35 -2.93 6.91
CA ARG A 259 -7.35 -4.15 7.71
C ARG A 259 -8.81 -4.26 8.15
N TRP A 260 -9.24 -5.47 8.53
CA TRP A 260 -10.47 -5.53 9.32
C TRP A 260 -10.00 -5.68 10.79
N PHE A 261 -10.94 -5.42 11.70
CA PHE A 261 -10.72 -5.58 13.12
C PHE A 261 -11.88 -6.37 13.71
N LEU A 262 -11.54 -7.29 14.59
CA LEU A 262 -12.55 -8.08 15.31
C LEU A 262 -12.24 -7.96 16.79
N PRO A 263 -13.22 -8.13 17.65
CA PRO A 263 -12.89 -8.05 19.04
C PRO A 263 -12.11 -9.27 19.51
N TYR A 264 -11.06 -9.04 20.29
CA TYR A 264 -10.33 -10.09 20.95
C TYR A 264 -11.25 -10.92 21.83
N ASN A 265 -12.26 -10.28 22.41
CA ASN A 265 -13.26 -11.05 23.15
C ASN A 265 -14.60 -10.44 22.76
N ASP A 266 -15.36 -11.23 21.96
CA ASP A 266 -16.57 -10.69 21.36
C ASP A 266 -17.78 -10.64 22.27
N THR A 267 -17.58 -10.93 23.54
CA THR A 267 -18.63 -10.67 24.51
C THR A 267 -18.20 -9.69 25.57
N ASP A 268 -17.05 -9.06 25.36
CA ASP A 268 -16.51 -8.07 26.27
C ASP A 268 -16.69 -6.70 25.67
N ARG A 269 -17.50 -5.85 26.29
CA ARG A 269 -17.77 -4.50 25.77
C ARG A 269 -16.47 -3.72 25.63
N HIS A 270 -15.44 -3.91 26.45
CA HIS A 270 -14.24 -3.11 26.31
C HIS A 270 -13.47 -3.52 25.06
N SER A 271 -13.44 -4.79 24.74
CA SER A 271 -12.80 -5.25 23.51
C SER A 271 -13.62 -4.79 22.30
N ILE A 272 -14.93 -4.86 22.37
CA ILE A 272 -15.78 -4.40 21.31
C ILE A 272 -15.53 -2.91 21.07
N ALA A 273 -15.45 -2.11 22.10
CA ALA A 273 -15.16 -0.69 21.94
C ALA A 273 -13.77 -0.45 21.34
N ALA A 274 -12.76 -1.21 21.76
CA ALA A 274 -11.43 -1.06 21.14
C ALA A 274 -11.45 -1.38 19.68
N THR A 275 -12.26 -2.32 19.29
CA THR A 275 -12.36 -2.70 17.90
C THR A 275 -12.94 -1.58 17.10
N GLU A 276 -13.98 -0.93 17.59
CA GLU A 276 -14.57 0.19 16.89
C GLU A 276 -13.62 1.36 16.89
N ARG A 277 -12.90 1.61 18.00
CA ARG A 277 -11.91 2.68 17.95
C ARG A 277 -10.84 2.36 16.89
N MET A 278 -10.43 1.14 16.73
CA MET A 278 -9.41 0.83 15.73
C MET A 278 -9.95 1.15 14.35
N LYS A 279 -11.22 0.88 14.06
CA LYS A 279 -11.70 1.24 12.72
C LYS A 279 -11.56 2.74 12.50
N GLU A 280 -11.95 3.55 13.47
CA GLU A 280 -11.85 4.99 13.34
C GLU A 280 -10.40 5.44 13.27
N PHE A 281 -9.50 4.95 14.10
CA PHE A 281 -8.14 5.46 14.12
C PHE A 281 -7.31 4.91 12.96
N PHE A 282 -7.65 3.77 12.41
CA PHE A 282 -6.87 3.18 11.34
C PHE A 282 -7.43 3.56 9.99
N LEU A 283 -8.75 3.42 9.80
CA LEU A 283 -9.39 3.79 8.53
C LEU A 283 -9.95 5.19 8.56
N GLY A 284 -10.67 5.57 9.63
CA GLY A 284 -11.34 6.85 9.67
C GLY A 284 -10.38 8.03 9.71
N TRP A 285 -9.17 7.85 10.28
CA TRP A 285 -8.19 8.93 10.30
C TRP A 285 -8.12 9.62 8.93
N PHE A 286 -8.15 8.80 7.83
CA PHE A 286 -8.09 9.29 6.48
C PHE A 286 -9.47 9.31 5.84
N MET A 287 -10.31 8.28 6.07
CA MET A 287 -11.58 8.28 5.34
C MET A 287 -12.54 9.31 5.91
N GLY A 288 -12.48 9.70 7.16
CA GLY A 288 -13.29 10.79 7.70
C GLY A 288 -13.03 12.04 6.87
N PRO A 289 -11.75 12.45 6.80
CA PRO A 289 -11.46 13.65 6.02
C PRO A 289 -11.87 13.48 4.55
N LEU A 290 -11.57 12.36 3.91
CA LEU A 290 -11.92 12.13 2.52
C LEU A 290 -13.42 12.11 2.26
N THR A 291 -14.27 11.78 3.23
CA THR A 291 -15.70 11.73 2.96
C THR A 291 -16.46 12.85 3.62
N ASN A 292 -15.87 13.49 4.64
CA ASN A 292 -16.60 14.50 5.38
C ASN A 292 -15.83 15.76 5.65
N GLY A 293 -14.52 15.81 5.36
CA GLY A 293 -13.73 16.97 5.61
C GLY A 293 -13.32 17.12 7.08
N THR A 294 -13.52 16.13 7.90
CA THR A 294 -13.17 16.21 9.33
C THR A 294 -12.59 14.88 9.79
N TYR A 295 -11.79 14.93 10.87
CA TYR A 295 -11.37 13.69 11.48
C TYR A 295 -12.48 13.06 12.31
N PRO A 296 -12.43 11.78 12.57
CA PRO A 296 -13.45 11.18 13.42
C PRO A 296 -13.52 11.84 14.79
N GLN A 297 -14.74 11.92 15.32
CA GLN A 297 -14.91 12.49 16.67
C GLN A 297 -14.06 11.80 17.72
N ILE A 298 -13.89 10.49 17.68
CA ILE A 298 -13.09 9.86 18.76
C ILE A 298 -11.66 10.36 18.62
N MET A 299 -11.17 10.63 17.43
CA MET A 299 -9.81 11.14 17.29
C MET A 299 -9.77 12.57 17.79
N ILE A 300 -10.76 13.38 17.46
CA ILE A 300 -10.81 14.76 17.96
C ILE A 300 -10.74 14.79 19.47
N ASP A 301 -11.51 13.89 20.09
CA ASP A 301 -11.59 13.87 21.54
C ASP A 301 -10.31 13.34 22.20
N THR A 302 -9.74 12.31 21.62
CA THR A 302 -8.61 11.69 22.28
C THR A 302 -7.31 12.49 22.05
N VAL A 303 -7.12 12.87 20.77
CA VAL A 303 -5.87 13.44 20.33
C VAL A 303 -5.77 14.90 20.68
N GLY A 304 -6.94 15.51 20.86
CA GLY A 304 -6.94 16.87 21.39
C GLY A 304 -6.11 17.87 20.61
N GLU A 305 -5.28 18.63 21.31
CA GLU A 305 -4.45 19.67 20.69
C GLU A 305 -3.41 19.08 19.76
N ARG A 306 -3.11 17.80 19.82
CA ARG A 306 -2.17 17.21 18.85
C ARG A 306 -2.81 16.93 17.49
N LEU A 307 -4.10 17.10 17.34
CA LEU A 307 -4.73 16.82 16.04
C LEU A 307 -4.93 18.13 15.30
N PRO A 308 -4.31 18.35 14.16
CA PRO A 308 -4.55 19.58 13.43
C PRO A 308 -5.99 19.76 12.97
N SER A 309 -6.37 21.03 12.78
CA SER A 309 -7.68 21.36 12.28
C SER A 309 -7.53 21.72 10.79
N PHE A 310 -8.62 21.46 10.05
CA PHE A 310 -8.74 21.91 8.68
C PHE A 310 -9.50 23.24 8.73
N SER A 311 -9.06 24.19 7.90
CA SER A 311 -9.82 25.41 7.73
C SER A 311 -11.02 25.01 6.89
N PRO A 312 -12.00 25.92 6.80
CA PRO A 312 -13.15 25.65 5.95
C PRO A 312 -12.71 25.38 4.53
N GLU A 313 -11.76 26.13 3.98
CA GLU A 313 -11.28 25.92 2.63
C GLU A 313 -10.60 24.56 2.46
N GLU A 314 -9.78 24.21 3.46
CA GLU A 314 -9.10 22.91 3.46
C GLU A 314 -10.07 21.73 3.52
N SER A 315 -11.07 21.89 4.36
CA SER A 315 -12.07 20.85 4.59
C SER A 315 -12.75 20.56 3.25
N ASN A 316 -13.16 21.65 2.58
CA ASN A 316 -13.81 21.58 1.29
C ASN A 316 -12.92 20.93 0.22
N LEU A 317 -11.63 21.25 0.26
CA LEU A 317 -10.68 20.67 -0.67
C LEU A 317 -10.54 19.16 -0.50
N VAL A 318 -10.47 18.72 0.78
CA VAL A 318 -10.24 17.33 1.10
C VAL A 318 -11.48 16.47 0.90
N LYS A 319 -12.62 17.00 1.37
CA LYS A 319 -13.86 16.25 1.31
C LYS A 319 -14.19 15.88 -0.12
N GLY A 320 -14.40 14.62 -0.43
CA GLY A 320 -14.78 14.20 -1.75
C GLY A 320 -13.62 14.15 -2.72
N SER A 321 -12.36 14.26 -2.28
CA SER A 321 -11.17 14.33 -3.14
C SER A 321 -10.76 12.97 -3.68
N TYR A 322 -11.67 12.25 -4.34
CA TYR A 322 -11.34 10.98 -4.97
C TYR A 322 -12.43 10.70 -5.97
N ASP A 323 -12.02 10.02 -7.04
CA ASP A 323 -12.93 9.39 -8.00
C ASP A 323 -13.15 7.91 -7.66
N PHE A 324 -12.14 7.32 -7.02
CA PHE A 324 -12.16 5.93 -6.58
C PHE A 324 -11.19 5.81 -5.41
N LEU A 325 -11.20 4.67 -4.77
CA LEU A 325 -10.25 4.36 -3.71
C LEU A 325 -9.45 3.16 -4.18
N GLY A 326 -8.14 3.25 -3.98
CA GLY A 326 -7.31 2.06 -4.13
C GLY A 326 -7.18 1.50 -2.70
N LEU A 327 -7.71 0.28 -2.55
CA LEU A 327 -7.67 -0.35 -1.21
C LEU A 327 -6.70 -1.50 -1.28
N ASN A 328 -5.64 -1.38 -0.51
CA ASN A 328 -4.75 -2.52 -0.28
C ASN A 328 -5.33 -3.34 0.93
N TYR A 329 -5.20 -4.65 0.90
CA TYR A 329 -5.71 -5.47 1.99
C TYR A 329 -4.78 -6.67 2.13
N TYR A 330 -4.30 -6.89 3.35
CA TYR A 330 -3.49 -8.06 3.63
C TYR A 330 -4.06 -8.92 4.79
N PHE A 331 -4.45 -8.30 5.90
CA PHE A 331 -4.82 -9.13 7.05
C PHE A 331 -5.73 -8.31 7.99
N THR A 332 -6.19 -9.06 9.01
CA THR A 332 -7.13 -8.57 10.04
C THR A 332 -6.52 -8.83 11.42
N GLN A 333 -6.90 -7.97 12.35
CA GLN A 333 -6.41 -8.14 13.71
C GLN A 333 -7.54 -8.14 14.72
N TYR A 334 -7.30 -8.85 15.83
CA TYR A 334 -8.16 -8.77 16.98
C TYR A 334 -7.73 -7.54 17.80
N ALA A 335 -8.67 -6.86 18.42
CA ALA A 335 -8.41 -5.68 19.23
C ALA A 335 -8.92 -5.87 20.66
N GLN A 336 -8.06 -5.44 21.59
CA GLN A 336 -8.42 -5.46 23.01
C GLN A 336 -8.00 -4.12 23.60
N PRO A 337 -8.55 -3.70 24.73
CA PRO A 337 -8.16 -2.43 25.27
C PRO A 337 -6.69 -2.36 25.67
N SER A 338 -6.17 -1.14 25.60
CA SER A 338 -4.81 -0.89 26.09
C SER A 338 -4.77 0.57 26.54
N PRO A 339 -3.97 0.88 27.53
CA PRO A 339 -3.81 2.22 28.03
C PRO A 339 -3.22 3.15 26.99
N ASN A 340 -3.50 4.44 27.18
CA ASN A 340 -2.92 5.48 26.30
C ASN A 340 -2.11 6.45 27.15
N PRO A 341 -0.83 6.17 27.40
CA PRO A 341 -0.09 7.02 28.33
C PRO A 341 0.47 8.26 27.65
N VAL A 342 -0.39 9.26 27.48
CA VAL A 342 -0.01 10.45 26.72
C VAL A 342 1.15 11.26 27.30
N ASN A 343 1.37 11.21 28.62
CA ASN A 343 2.47 11.87 29.27
C ASN A 343 3.77 11.07 29.19
N SER A 344 3.84 9.82 28.80
CA SER A 344 5.04 9.03 28.78
C SER A 344 5.94 9.61 27.68
N THR A 345 7.25 9.58 27.97
CA THR A 345 8.18 10.08 26.95
C THR A 345 8.15 9.14 25.74
N ASN A 346 7.73 7.89 25.94
CA ASN A 346 7.69 6.99 24.78
C ASN A 346 6.30 6.90 24.18
N HIS A 347 5.48 7.90 24.47
CA HIS A 347 4.14 7.86 23.81
C HIS A 347 4.25 7.96 22.29
N THR A 348 3.40 7.18 21.64
CA THR A 348 3.28 7.28 20.18
C THR A 348 1.84 7.54 19.79
N ALA A 349 1.67 8.13 18.61
CA ALA A 349 0.33 8.34 18.10
C ALA A 349 -0.47 7.04 18.01
N MET A 350 0.20 5.92 17.75
CA MET A 350 -0.49 4.64 17.62
C MET A 350 -1.10 4.22 18.95
N MET A 351 -0.63 4.74 20.06
CA MET A 351 -1.26 4.40 21.34
C MET A 351 -2.59 5.09 21.57
N ASP A 352 -2.88 6.16 20.81
CA ASP A 352 -4.08 6.95 20.99
C ASP A 352 -5.34 6.15 20.73
N ALA A 353 -5.33 5.13 19.92
CA ALA A 353 -6.49 4.31 19.71
C ALA A 353 -6.86 3.47 20.94
N GLY A 354 -5.96 3.36 21.90
CA GLY A 354 -6.32 2.61 23.11
C GLY A 354 -6.60 1.13 22.85
N ALA A 355 -5.80 0.58 21.91
CA ALA A 355 -6.03 -0.83 21.56
C ALA A 355 -4.72 -1.58 21.38
N LYS A 356 -4.73 -2.83 21.79
CA LYS A 356 -3.64 -3.76 21.53
C LYS A 356 -4.16 -4.78 20.49
N LEU A 357 -3.31 -5.07 19.52
CA LEU A 357 -3.69 -5.89 18.37
C LEU A 357 -2.98 -7.22 18.34
N THR A 358 -3.74 -8.28 18.10
CA THR A 358 -3.23 -9.63 18.10
C THR A 358 -3.84 -10.39 16.92
N TYR A 359 -3.36 -11.62 16.73
CA TYR A 359 -3.85 -12.57 15.75
C TYR A 359 -4.51 -13.75 16.43
N ILE A 360 -4.51 -13.76 17.77
CA ILE A 360 -5.10 -14.82 18.56
C ILE A 360 -6.12 -14.14 19.48
N ASN A 361 -7.30 -14.76 19.62
CA ASN A 361 -8.32 -14.10 20.44
C ASN A 361 -8.26 -14.66 21.86
N ALA A 362 -9.17 -14.22 22.74
CA ALA A 362 -9.06 -14.52 24.14
C ALA A 362 -9.23 -15.99 24.46
N SER A 363 -9.90 -16.73 23.59
CA SER A 363 -10.07 -18.17 23.84
C SER A 363 -9.01 -19.00 23.16
N GLY A 364 -8.01 -18.31 22.58
CA GLY A 364 -6.88 -19.02 21.99
C GLY A 364 -6.96 -19.29 20.52
N HIS A 365 -8.02 -18.80 19.83
CA HIS A 365 -8.16 -19.08 18.40
C HIS A 365 -7.29 -18.15 17.57
N TYR A 366 -6.47 -18.79 16.72
CA TYR A 366 -5.70 -18.03 15.75
C TYR A 366 -6.66 -17.70 14.57
N ILE A 367 -6.57 -16.46 14.11
CA ILE A 367 -7.58 -15.97 13.15
C ILE A 367 -7.63 -16.70 11.85
N GLY A 368 -6.51 -17.27 11.40
CA GLY A 368 -6.50 -17.93 10.09
C GLY A 368 -5.09 -18.48 9.90
N PRO A 369 -4.81 -18.87 8.67
CA PRO A 369 -3.53 -19.46 8.33
C PRO A 369 -2.37 -18.49 8.47
N LEU A 370 -1.17 -19.07 8.56
CA LEU A 370 0.04 -18.25 8.69
C LEU A 370 0.16 -17.33 7.50
N PHE A 371 0.48 -16.08 7.82
CA PHE A 371 0.78 -15.01 6.88
C PHE A 371 2.26 -14.68 6.85
N GLU A 372 2.92 -14.48 7.97
CA GLU A 372 4.33 -14.12 7.98
C GLU A 372 4.89 -14.70 9.28
N LYS A 373 5.89 -15.54 9.11
CA LYS A 373 6.59 -16.07 10.27
C LYS A 373 7.60 -15.08 10.82
N ASP A 374 7.70 -14.85 12.11
CA ASP A 374 8.70 -13.96 12.70
C ASP A 374 9.67 -14.93 13.39
N LYS A 375 10.86 -15.14 12.80
CA LYS A 375 11.80 -16.08 13.41
C LYS A 375 12.39 -15.61 14.73
N ALA A 376 12.48 -14.32 15.00
CA ALA A 376 13.05 -13.94 16.29
C ALA A 376 12.04 -14.18 17.41
N ASP A 377 10.80 -13.96 16.98
CA ASP A 377 9.75 -14.10 17.94
C ASP A 377 8.54 -14.75 17.27
N SER A 378 8.22 -16.02 17.56
CA SER A 378 7.06 -16.66 16.94
C SER A 378 5.76 -16.25 17.59
N THR A 379 5.82 -15.61 18.78
CA THR A 379 4.49 -15.15 19.26
C THR A 379 4.06 -13.92 18.47
N ASP A 380 4.93 -13.36 17.62
CA ASP A 380 4.70 -12.21 16.78
C ASP A 380 4.38 -12.61 15.33
N ASN A 381 4.20 -13.89 15.11
CA ASN A 381 3.79 -14.30 13.75
C ASN A 381 2.49 -13.61 13.35
N ILE A 382 2.34 -13.32 12.06
CA ILE A 382 1.12 -12.74 11.51
C ILE A 382 0.32 -13.87 10.87
N TYR A 383 -1.01 -13.83 10.99
CA TYR A 383 -1.95 -14.77 10.44
C TYR A 383 -2.98 -14.00 9.55
N TYR A 384 -3.46 -14.63 8.50
CA TYR A 384 -4.41 -13.96 7.62
C TYR A 384 -5.84 -14.48 7.85
N TYR A 385 -6.76 -13.83 7.15
CA TYR A 385 -8.18 -13.95 7.39
C TYR A 385 -8.91 -13.58 6.10
N PRO A 386 -9.14 -14.60 5.28
CA PRO A 386 -9.78 -14.31 4.00
C PRO A 386 -11.07 -13.53 4.03
N LYS A 387 -11.91 -13.78 4.99
CA LYS A 387 -13.18 -13.07 5.12
C LYS A 387 -12.96 -11.59 5.36
N GLY A 388 -11.80 -11.18 5.85
CA GLY A 388 -11.55 -9.79 6.12
C GLY A 388 -11.72 -8.93 4.85
N ILE A 389 -11.38 -9.46 3.65
CA ILE A 389 -11.58 -8.63 2.45
C ILE A 389 -13.07 -8.37 2.26
N TYR A 390 -13.90 -9.37 2.54
CA TYR A 390 -15.34 -9.15 2.45
C TYR A 390 -15.82 -8.11 3.44
N SER A 391 -15.38 -8.25 4.69
CA SER A 391 -15.76 -7.29 5.74
C SER A 391 -15.34 -5.88 5.42
N VAL A 392 -14.09 -5.73 4.93
CA VAL A 392 -13.61 -4.39 4.59
C VAL A 392 -14.44 -3.76 3.46
N MET A 393 -14.64 -4.54 2.39
CA MET A 393 -15.36 -3.90 1.28
C MET A 393 -16.77 -3.56 1.69
N ASP A 394 -17.48 -4.41 2.40
CA ASP A 394 -18.82 -4.14 2.89
C ASP A 394 -18.80 -2.87 3.72
N TYR A 395 -17.81 -2.74 4.66
CA TYR A 395 -17.71 -1.58 5.53
C TYR A 395 -17.52 -0.33 4.67
N PHE A 396 -16.62 -0.34 3.71
CA PHE A 396 -16.44 0.86 2.88
C PHE A 396 -17.72 1.23 2.17
N LYS A 397 -18.44 0.26 1.61
CA LYS A 397 -19.69 0.63 0.92
C LYS A 397 -20.66 1.24 1.92
N ASN A 398 -20.81 0.68 3.12
CA ASN A 398 -21.81 1.15 4.05
C ASN A 398 -21.47 2.43 4.79
N LYS A 399 -20.20 2.54 5.15
CA LYS A 399 -19.73 3.63 6.00
C LYS A 399 -19.31 4.85 5.18
N TYR A 400 -18.74 4.55 3.97
CA TYR A 400 -18.07 5.55 3.17
C TYR A 400 -18.70 5.80 1.83
N TYR A 401 -20.02 5.76 1.79
CA TYR A 401 -20.75 6.30 0.65
C TYR A 401 -20.48 5.55 -0.63
N ASN A 402 -20.50 4.23 -0.60
CA ASN A 402 -20.51 3.42 -1.80
C ASN A 402 -19.50 3.85 -2.85
N PRO A 403 -18.22 3.81 -2.47
CA PRO A 403 -17.21 4.24 -3.41
C PRO A 403 -16.93 3.22 -4.49
N LEU A 404 -16.33 3.74 -5.56
CA LEU A 404 -15.68 2.89 -6.58
C LEU A 404 -14.34 2.46 -6.02
N ILE A 405 -14.08 1.17 -6.06
CA ILE A 405 -12.86 0.60 -5.44
C ILE A 405 -12.15 -0.23 -6.48
N TYR A 406 -10.81 -0.15 -6.40
CA TYR A 406 -9.88 -1.10 -7.01
C TYR A 406 -9.00 -1.68 -5.88
N VAL A 407 -8.89 -2.99 -5.85
CA VAL A 407 -7.99 -3.60 -4.83
C VAL A 407 -6.61 -3.47 -5.46
N THR A 408 -5.83 -2.60 -4.85
CA THR A 408 -4.54 -2.20 -5.44
C THR A 408 -3.37 -2.99 -4.91
N GLU A 409 -3.50 -3.79 -3.87
CA GLU A 409 -2.52 -4.76 -3.42
C GLU A 409 -3.22 -5.86 -2.61
N ASN A 410 -2.73 -7.07 -2.76
CA ASN A 410 -3.17 -8.19 -1.92
C ASN A 410 -2.15 -9.26 -2.22
N GLY A 411 -1.48 -9.86 -1.26
CA GLY A 411 -0.47 -10.88 -1.55
C GLY A 411 0.11 -11.38 -0.22
N ILE A 412 1.09 -12.27 -0.38
CA ILE A 412 1.71 -12.94 0.76
C ILE A 412 3.15 -13.26 0.48
N SER A 413 4.00 -13.27 1.49
CA SER A 413 5.41 -13.59 1.24
C SER A 413 5.69 -15.07 1.56
N THR A 414 6.85 -15.47 1.00
CA THR A 414 7.43 -16.76 1.36
C THR A 414 8.85 -16.46 1.76
N PRO A 415 9.49 -17.29 2.56
CA PRO A 415 10.83 -16.96 3.05
C PRO A 415 11.91 -16.90 2.00
N GLY A 416 12.85 -15.99 2.12
CA GLY A 416 14.01 -15.91 1.25
C GLY A 416 14.93 -17.07 1.57
N ASP A 417 14.86 -17.82 2.67
CA ASP A 417 15.77 -18.92 2.93
C ASP A 417 15.42 -20.12 2.02
N GLU A 418 14.18 -20.20 1.50
CA GLU A 418 13.77 -21.33 0.65
C GLU A 418 14.70 -21.34 -0.58
N ASN A 419 14.95 -22.50 -1.14
CA ASN A 419 15.78 -22.58 -2.36
C ASN A 419 14.83 -22.30 -3.51
N ARG A 420 15.41 -22.22 -4.70
CA ARG A 420 14.60 -21.92 -5.87
C ARG A 420 13.42 -22.84 -6.12
N ASN A 421 13.66 -24.15 -6.00
CA ASN A 421 12.59 -25.11 -6.20
C ASN A 421 11.49 -24.90 -5.20
N GLN A 422 11.81 -24.73 -3.93
CA GLN A 422 10.75 -24.48 -2.95
C GLN A 422 10.08 -23.17 -3.30
N SER A 423 10.85 -22.13 -3.63
CA SER A 423 10.26 -20.82 -3.88
C SER A 423 9.29 -20.86 -5.06
N MET A 424 9.59 -21.66 -6.09
CA MET A 424 8.69 -21.76 -7.23
C MET A 424 7.42 -22.55 -6.87
N LEU A 425 7.55 -23.49 -5.94
CA LEU A 425 6.37 -24.27 -5.53
C LEU A 425 5.61 -23.55 -4.43
N ASP A 426 5.05 -22.43 -4.79
CA ASP A 426 4.45 -21.49 -3.84
C ASP A 426 2.96 -21.68 -3.66
N TYR A 427 2.63 -22.93 -3.28
CA TYR A 427 1.20 -23.25 -3.08
C TYR A 427 0.57 -22.41 -1.98
N THR A 428 1.37 -21.95 -1.00
CA THR A 428 0.77 -21.10 0.04
C THR A 428 0.29 -19.76 -0.54
N ARG A 429 0.93 -19.32 -1.64
CA ARG A 429 0.51 -18.10 -2.31
C ARG A 429 -0.74 -18.29 -3.12
N ILE A 430 -0.87 -19.43 -3.80
CA ILE A 430 -2.11 -19.75 -4.49
C ILE A 430 -3.27 -19.73 -3.50
N ASP A 431 -3.03 -20.40 -2.36
CA ASP A 431 -4.08 -20.46 -1.34
C ASP A 431 -4.51 -19.09 -0.85
N TYR A 432 -3.48 -18.24 -0.58
CA TYR A 432 -3.81 -16.89 -0.09
C TYR A 432 -4.60 -16.11 -1.13
N LEU A 433 -4.07 -16.11 -2.37
CA LEU A 433 -4.74 -15.29 -3.39
C LEU A 433 -6.13 -15.81 -3.74
N CYS A 434 -6.27 -17.11 -3.89
CA CYS A 434 -7.58 -17.63 -4.26
C CYS A 434 -8.62 -17.45 -3.16
N SER A 435 -8.17 -17.60 -1.91
CA SER A 435 -9.15 -17.49 -0.81
C SER A 435 -9.70 -16.09 -0.63
N HIS A 436 -8.80 -15.12 -0.97
CA HIS A 436 -9.25 -13.71 -0.97
C HIS A 436 -10.12 -13.39 -2.17
N LEU A 437 -9.69 -13.93 -3.33
CA LEU A 437 -10.53 -13.67 -4.53
C LEU A 437 -11.90 -14.29 -4.35
N CYS A 438 -12.02 -15.45 -3.72
CA CYS A 438 -13.35 -16.00 -3.51
C CYS A 438 -14.21 -15.05 -2.71
N PHE A 439 -13.67 -14.51 -1.58
CA PHE A 439 -14.43 -13.61 -0.74
C PHE A 439 -14.72 -12.29 -1.45
N LEU A 440 -13.82 -11.86 -2.37
CA LEU A 440 -14.02 -10.63 -3.10
C LEU A 440 -15.21 -10.79 -4.03
N ASN A 441 -15.22 -11.90 -4.76
CA ASN A 441 -16.37 -12.17 -5.63
C ASN A 441 -17.64 -12.27 -4.79
N LYS A 442 -17.56 -12.92 -3.64
CA LYS A 442 -18.75 -13.04 -2.78
C LYS A 442 -19.29 -11.71 -2.31
N VAL A 443 -18.40 -10.76 -1.94
CA VAL A 443 -18.86 -9.49 -1.44
C VAL A 443 -19.45 -8.62 -2.55
N ILE A 444 -18.83 -8.74 -3.72
CA ILE A 444 -19.41 -8.01 -4.87
C ILE A 444 -20.83 -8.52 -5.18
N LYS A 445 -21.00 -9.85 -5.16
CA LYS A 445 -22.33 -10.38 -5.44
C LYS A 445 -23.35 -10.11 -4.36
N GLU A 446 -22.95 -10.31 -3.10
CA GLU A 446 -23.89 -10.25 -2.01
C GLU A 446 -24.19 -8.85 -1.51
N LYS A 447 -23.14 -8.00 -1.57
CA LYS A 447 -23.31 -6.67 -0.99
C LYS A 447 -23.28 -5.58 -2.04
N ASP A 448 -23.02 -5.94 -3.28
CA ASP A 448 -23.02 -4.99 -4.37
C ASP A 448 -21.99 -3.86 -4.21
N VAL A 449 -20.85 -4.25 -3.63
CA VAL A 449 -19.77 -3.28 -3.52
C VAL A 449 -19.21 -3.04 -4.92
N ASN A 450 -18.91 -1.77 -5.20
CA ASN A 450 -18.48 -1.35 -6.54
C ASN A 450 -16.97 -1.56 -6.68
N VAL A 451 -16.54 -2.79 -6.70
CA VAL A 451 -15.13 -3.15 -6.93
C VAL A 451 -14.98 -3.48 -8.39
N LYS A 452 -13.99 -2.88 -9.07
CA LYS A 452 -13.82 -3.05 -10.52
C LYS A 452 -12.46 -3.58 -10.96
N GLY A 453 -11.58 -3.95 -9.98
CA GLY A 453 -10.33 -4.59 -10.35
C GLY A 453 -9.60 -5.07 -9.09
N TYR A 454 -8.60 -5.87 -9.40
CA TYR A 454 -7.79 -6.54 -8.39
C TYR A 454 -6.38 -6.68 -8.91
N LEU A 455 -5.44 -6.14 -8.16
CA LEU A 455 -4.02 -6.22 -8.52
C LEU A 455 -3.25 -6.88 -7.36
N ALA A 456 -2.72 -8.06 -7.67
CA ALA A 456 -2.02 -8.81 -6.64
C ALA A 456 -0.63 -8.21 -6.40
N TRP A 457 -0.19 -8.23 -5.15
CA TRP A 457 1.16 -7.85 -4.82
C TRP A 457 1.93 -9.18 -4.90
N ALA A 458 3.07 -9.34 -5.53
CA ALA A 458 3.67 -8.44 -6.47
C ALA A 458 3.97 -9.13 -7.79
N LEU A 459 4.22 -8.34 -8.84
CA LEU A 459 4.57 -8.93 -10.13
C LEU A 459 5.71 -9.92 -10.00
N GLY A 460 6.74 -9.52 -9.29
CA GLY A 460 7.91 -10.33 -9.12
C GLY A 460 8.56 -10.06 -7.77
N ASP A 461 9.56 -10.89 -7.49
CA ASP A 461 10.31 -10.72 -6.24
C ASP A 461 11.00 -9.39 -6.32
N ASN A 462 11.18 -8.72 -5.20
CA ASN A 462 11.66 -7.35 -5.22
C ASN A 462 12.27 -7.06 -3.84
N TYR A 463 12.77 -5.85 -3.65
CA TYR A 463 13.18 -5.41 -2.30
C TYR A 463 11.89 -5.17 -1.52
N GLU A 464 11.71 -5.83 -0.38
CA GLU A 464 10.57 -5.60 0.49
C GLU A 464 10.97 -4.59 1.57
N PHE A 465 10.18 -3.51 1.66
CA PHE A 465 10.45 -2.52 2.71
C PHE A 465 10.61 -3.25 4.03
N ASN A 466 11.64 -2.88 4.80
CA ASN A 466 11.93 -3.42 6.10
C ASN A 466 12.52 -4.81 6.09
N LYS A 467 12.42 -5.60 5.06
CA LYS A 467 12.84 -6.97 5.07
C LYS A 467 13.91 -7.29 4.05
N GLY A 468 14.38 -6.34 3.26
CA GLY A 468 15.42 -6.62 2.26
C GLY A 468 14.98 -7.65 1.29
N PHE A 469 15.79 -8.67 1.05
CA PHE A 469 15.49 -9.78 0.20
C PHE A 469 15.27 -11.06 0.99
N THR A 470 14.91 -10.90 2.26
CA THR A 470 14.70 -12.03 3.16
C THR A 470 13.34 -12.67 3.02
N VAL A 471 12.43 -12.02 2.28
CA VAL A 471 11.17 -12.61 1.93
C VAL A 471 10.92 -12.34 0.43
N ARG A 472 10.07 -13.15 -0.17
CA ARG A 472 9.66 -12.98 -1.55
C ARG A 472 8.16 -12.80 -1.63
N PHE A 473 7.68 -11.86 -2.46
CA PHE A 473 6.28 -11.66 -2.64
C PHE A 473 5.81 -11.91 -4.07
N GLY A 474 6.76 -12.18 -4.98
CA GLY A 474 6.37 -12.22 -6.40
C GLY A 474 5.53 -13.40 -6.79
N LEU A 475 4.75 -13.17 -7.84
CA LEU A 475 4.10 -14.26 -8.58
C LEU A 475 5.09 -14.82 -9.58
N SER A 476 6.16 -14.09 -9.84
CA SER A 476 7.29 -14.54 -10.64
C SER A 476 8.56 -14.38 -9.80
N TYR A 477 9.44 -15.35 -10.03
CA TYR A 477 10.68 -15.57 -9.33
C TYR A 477 11.83 -14.86 -9.97
N ILE A 478 12.66 -14.20 -9.16
CA ILE A 478 13.87 -13.51 -9.61
C ILE A 478 15.07 -14.08 -8.87
N ASP A 479 16.11 -14.47 -9.62
CA ASP A 479 17.35 -14.95 -9.03
C ASP A 479 18.21 -13.74 -8.71
N TRP A 480 18.59 -13.50 -7.48
CA TRP A 480 19.35 -12.33 -7.10
C TRP A 480 20.78 -12.39 -7.57
N ASN A 481 21.21 -13.53 -8.07
CA ASN A 481 22.54 -13.56 -8.66
C ASN A 481 22.50 -13.23 -10.13
N ASN A 482 21.33 -13.14 -10.74
CA ASN A 482 21.18 -12.81 -12.15
C ASN A 482 19.73 -12.43 -12.39
N VAL A 483 19.46 -11.14 -12.17
CA VAL A 483 18.09 -10.66 -12.11
C VAL A 483 17.33 -10.51 -13.41
N THR A 484 17.88 -10.87 -14.54
CA THR A 484 17.18 -10.58 -15.81
C THR A 484 15.83 -11.25 -15.91
N ASP A 485 15.80 -12.55 -15.68
CA ASP A 485 14.56 -13.28 -15.84
C ASP A 485 13.55 -13.13 -14.72
N ARG A 486 12.27 -13.18 -15.07
CA ARG A 486 11.18 -13.22 -14.09
C ARG A 486 10.40 -14.48 -14.49
N ASP A 487 10.51 -15.52 -13.70
CA ASP A 487 9.95 -16.81 -14.09
C ASP A 487 8.67 -17.08 -13.34
N LEU A 488 7.54 -17.32 -13.96
CA LEU A 488 6.29 -17.53 -13.25
C LEU A 488 6.40 -18.70 -12.27
N LYS A 489 6.04 -18.47 -11.05
CA LYS A 489 5.99 -19.51 -10.04
C LYS A 489 4.70 -20.31 -10.26
N LYS A 490 4.47 -21.31 -9.39
CA LYS A 490 3.18 -21.98 -9.42
C LYS A 490 2.05 -20.96 -9.28
N SER A 491 2.17 -19.97 -8.41
CA SER A 491 1.10 -19.00 -8.26
C SER A 491 0.91 -18.22 -9.57
N GLY A 492 2.01 -17.81 -10.22
CA GLY A 492 1.80 -17.10 -11.48
C GLY A 492 1.13 -17.94 -12.57
N GLN A 493 1.47 -19.23 -12.57
CA GLN A 493 0.87 -20.15 -13.49
C GLN A 493 -0.59 -20.37 -13.15
N TRP A 494 -0.91 -20.49 -11.89
CA TRP A 494 -2.32 -20.54 -11.50
C TRP A 494 -3.09 -19.30 -11.89
N TYR A 495 -2.48 -18.13 -11.64
CA TYR A 495 -3.14 -16.86 -11.88
C TYR A 495 -3.41 -16.71 -13.36
N GLN A 496 -2.47 -17.16 -14.19
CA GLN A 496 -2.65 -17.18 -15.65
C GLN A 496 -3.89 -18.00 -16.00
N SER A 497 -4.05 -19.18 -15.39
CA SER A 497 -5.22 -19.98 -15.69
C SER A 497 -6.48 -19.37 -15.13
N PHE A 498 -6.44 -18.75 -13.93
CA PHE A 498 -7.61 -18.05 -13.38
C PHE A 498 -8.03 -16.94 -14.32
N ILE A 499 -7.07 -16.19 -14.88
CA ILE A 499 -7.45 -15.10 -15.75
C ILE A 499 -8.01 -15.59 -17.10
N SER A 500 -7.42 -16.66 -17.63
CA SER A 500 -7.86 -17.21 -18.93
C SER A 500 -8.08 -18.72 -18.79
N PRO A 501 -9.33 -19.03 -18.22
CA PRO A 501 -9.62 -20.45 -17.87
C PRO A 501 -10.10 -21.53 -18.91
#